data_3V60
#
_entry.id   3V60
#
_cell.length_a   268.126
_cell.length_b   268.126
_cell.length_c   268.126
_cell.angle_alpha   90.000
_cell.angle_beta   90.000
_cell.angle_gamma   90.000
#
_symmetry.space_group_name_H-M   'F 4 3 2'
#
loop_
_entity.id
_entity.type
_entity.pdbx_description
1 polymer 'Ubiquitin-like protein SMT3'
2 polymer 'Proliferating cell nuclear antigen'
3 non-polymer 'SULFATE ION'
4 water water
#
loop_
_entity_poly.entity_id
_entity_poly.type
_entity_poly.pdbx_seq_one_letter_code
_entity_poly.pdbx_strand_id
1 'polypeptide(L)'
;GSHMRPETHINLKVSDGSSEIFFKIKKTTPLRRLMEAFAKRQGKEMDSLRFLYDGIRIQADQTPEDLDMEDNDIIEAHRE
QIGG
;
A
2 'polypeptide(L)'
;MLEAKFEEASLFKRIIDGFKDCVQLVNFQCKEDGIIAQAVDDSRVLLVSLEIGVEAFQEYRCDHPVTLGMDLTSLSKILR
CGNNTDTLTLIADNTPDSIILLFEDTKKDRIAEYSLKLMDIDADFLGIEELQYDSTLSLPSSEFSKIVRDLSQLSDSINI
MITKETIKFVADGDIGSGSVIIKPFVDMEHPETSIKLEMDQPVDLTFGAKYLLDIIKGSSLSDRVGIRLSSEAPALFQFD
LKSGFLQFFLAPKFNDEE
;
B
#
loop_
_chem_comp.id
_chem_comp.type
_chem_comp.name
_chem_comp.formula
SO4 non-polymer 'SULFATE ION' 'O4 S -2'
#
# COMPACT_ATOMS: atom_id res chain seq x y z
N PRO A 6 9.49 -22.51 -14.45
CA PRO A 6 9.42 -21.21 -15.13
C PRO A 6 8.14 -20.99 -15.99
N GLU A 7 6.98 -20.92 -15.32
CA GLU A 7 5.64 -20.79 -15.96
C GLU A 7 5.58 -20.02 -17.32
N THR A 8 5.02 -20.68 -18.34
CA THR A 8 5.04 -20.22 -19.75
C THR A 8 3.69 -19.65 -20.22
N HIS A 9 2.63 -20.10 -19.56
CA HIS A 9 1.28 -19.73 -19.90
C HIS A 9 0.71 -18.84 -18.81
N ILE A 10 -0.34 -18.11 -19.17
CA ILE A 10 -1.01 -17.19 -18.28
C ILE A 10 -2.51 -17.34 -18.51
N ASN A 11 -3.29 -17.24 -17.44
CA ASN A 11 -4.73 -17.23 -17.55
C ASN A 11 -5.26 -15.81 -17.41
N LEU A 12 -6.05 -15.36 -18.37
CA LEU A 12 -6.56 -13.99 -18.38
C LEU A 12 -8.04 -14.04 -18.54
N LYS A 13 -8.71 -13.00 -18.07
CA LYS A 13 -10.12 -12.85 -18.26
C LYS A 13 -10.40 -11.64 -19.17
N VAL A 14 -11.45 -11.72 -19.98
CA VAL A 14 -11.89 -10.60 -20.78
C VAL A 14 -13.35 -10.35 -20.46
N SER A 15 -13.67 -9.11 -20.12
CA SER A 15 -14.97 -8.77 -19.60
C SER A 15 -15.47 -7.50 -20.26
N ASP A 16 -16.79 -7.38 -20.34
CA ASP A 16 -17.43 -6.19 -20.90
C ASP A 16 -18.60 -5.83 -20.01
N GLY A 17 -18.64 -6.40 -18.82
CA GLY A 17 -19.65 -6.00 -17.87
C GLY A 17 -20.51 -7.16 -17.47
N SER A 18 -21.46 -7.53 -18.32
CA SER A 18 -22.33 -8.66 -18.00
C SER A 18 -21.93 -10.00 -18.67
N SER A 19 -20.83 -9.98 -19.44
CA SER A 19 -20.24 -11.23 -19.93
C SER A 19 -18.70 -11.28 -19.96
N GLU A 20 -18.16 -12.44 -19.58
CA GLU A 20 -16.70 -12.66 -19.46
C GLU A 20 -16.25 -13.99 -20.11
N ILE A 21 -15.01 -14.05 -20.53
CA ILE A 21 -14.46 -15.28 -21.07
C ILE A 21 -13.04 -15.42 -20.56
N PHE A 22 -12.73 -16.56 -19.96
CA PHE A 22 -11.36 -16.87 -19.57
C PHE A 22 -10.61 -17.50 -20.71
N PHE A 23 -9.31 -17.23 -20.79
CA PHE A 23 -8.45 -17.74 -21.84
C PHE A 23 -7.13 -18.12 -21.19
N LYS A 24 -6.45 -19.10 -21.76
CA LYS A 24 -5.07 -19.40 -21.38
C LYS A 24 -4.27 -19.13 -22.62
N ILE A 25 -3.15 -18.44 -22.48
CA ILE A 25 -2.22 -18.27 -23.62
C ILE A 25 -0.79 -18.17 -23.16
N LYS A 26 0.15 -18.32 -24.09
CA LYS A 26 1.57 -18.15 -23.78
C LYS A 26 1.85 -16.67 -23.51
N LYS A 27 2.79 -16.39 -22.62
CA LYS A 27 3.15 -15.02 -22.28
C LYS A 27 3.62 -14.21 -23.49
N THR A 28 4.09 -14.92 -24.52
CA THR A 28 4.80 -14.31 -25.65
C THR A 28 3.91 -14.19 -26.89
N THR A 29 2.62 -14.45 -26.72
CA THR A 29 1.69 -14.46 -27.83
C THR A 29 0.89 -13.16 -27.88
N PRO A 30 0.86 -12.51 -29.05
CA PRO A 30 0.02 -11.32 -29.27
C PRO A 30 -1.45 -11.54 -28.89
N LEU A 31 -2.07 -10.51 -28.29
CA LEU A 31 -3.44 -10.60 -27.76
C LEU A 31 -4.52 -10.59 -28.84
N ARG A 32 -4.09 -10.49 -30.09
CA ARG A 32 -4.95 -10.43 -31.28
C ARG A 32 -6.08 -11.46 -31.25
N ARG A 33 -5.70 -12.74 -31.25
CA ARG A 33 -6.65 -13.83 -31.41
C ARG A 33 -7.65 -13.79 -30.27
N LEU A 34 -7.08 -13.66 -29.08
CA LEU A 34 -7.80 -13.47 -27.82
C LEU A 34 -8.83 -12.32 -27.85
N MET A 35 -8.46 -11.20 -28.47
CA MET A 35 -9.42 -10.10 -28.66
C MET A 35 -10.49 -10.40 -29.70
N GLU A 36 -10.08 -10.97 -30.83
CA GLU A 36 -11.02 -11.35 -31.88
C GLU A 36 -12.04 -12.36 -31.39
N ALA A 37 -11.55 -13.39 -30.69
CA ALA A 37 -12.41 -14.38 -30.05
C ALA A 37 -13.49 -13.74 -29.18
N PHE A 38 -13.10 -12.85 -28.26
CA PHE A 38 -14.08 -12.15 -27.45
C PHE A 38 -15.06 -11.37 -28.32
N ALA A 39 -14.52 -10.62 -29.28
CA ALA A 39 -15.33 -9.76 -30.15
C ALA A 39 -16.33 -10.59 -30.97
N LYS A 40 -15.90 -11.78 -31.41
CA LYS A 40 -16.79 -12.68 -32.13
C LYS A 40 -18.04 -13.00 -31.31
N ARG A 41 -17.86 -13.56 -30.11
CA ARG A 41 -18.98 -14.01 -29.26
C ARG A 41 -19.90 -12.87 -28.82
N GLN A 42 -19.46 -11.64 -29.03
CA GLN A 42 -20.32 -10.50 -28.74
C GLN A 42 -21.03 -10.05 -30.01
N GLY A 43 -20.60 -10.62 -31.13
CA GLY A 43 -21.02 -10.15 -32.45
C GLY A 43 -20.71 -8.67 -32.57
N LYS A 44 -19.41 -8.34 -32.60
CA LYS A 44 -18.94 -6.95 -32.74
C LYS A 44 -17.65 -6.89 -33.54
N GLU A 45 -17.43 -5.76 -34.20
CA GLU A 45 -16.17 -5.52 -34.90
C GLU A 45 -15.10 -5.31 -33.85
N MET A 46 -13.96 -5.93 -34.04
CA MET A 46 -12.82 -5.74 -33.14
C MET A 46 -12.31 -4.28 -33.15
N ASP A 47 -12.68 -3.54 -34.21
CA ASP A 47 -12.44 -2.09 -34.29
C ASP A 47 -13.54 -1.34 -33.57
N SER A 48 -14.64 -2.05 -33.30
CA SER A 48 -15.74 -1.46 -32.56
C SER A 48 -15.41 -1.34 -31.06
N LEU A 49 -14.31 -1.98 -30.66
CA LEU A 49 -13.99 -2.13 -29.24
C LEU A 49 -12.60 -1.62 -28.82
N ARG A 50 -12.60 -0.85 -27.73
CA ARG A 50 -11.39 -0.41 -27.06
C ARG A 50 -11.11 -1.41 -25.92
N PHE A 51 -9.85 -1.85 -25.82
CA PHE A 51 -9.43 -2.86 -24.84
C PHE A 51 -8.45 -2.31 -23.82
N LEU A 52 -8.90 -2.31 -22.55
CA LEU A 52 -8.11 -1.80 -21.43
C LEU A 52 -7.54 -2.87 -20.53
N TYR A 53 -6.28 -2.70 -20.14
CA TYR A 53 -5.70 -3.52 -19.10
C TYR A 53 -5.24 -2.62 -17.98
N ASP A 54 -5.97 -2.66 -16.86
CA ASP A 54 -5.62 -1.88 -15.68
C ASP A 54 -5.49 -0.40 -16.00
N GLY A 55 -6.46 0.11 -16.77
CA GLY A 55 -6.42 1.49 -17.23
C GLY A 55 -5.59 1.79 -18.47
N ILE A 56 -4.74 0.85 -18.88
CA ILE A 56 -3.87 1.02 -20.03
C ILE A 56 -4.58 0.52 -21.29
N ARG A 57 -4.56 1.32 -22.34
CA ARG A 57 -5.16 0.96 -23.62
C ARG A 57 -4.18 0.06 -24.38
N ILE A 58 -4.65 -1.13 -24.75
CA ILE A 58 -3.78 -2.10 -25.43
C ILE A 58 -4.19 -2.40 -26.85
N GLN A 59 -3.21 -2.78 -27.67
CA GLN A 59 -3.46 -3.07 -29.10
C GLN A 59 -3.05 -4.50 -29.42
N ALA A 60 -3.84 -5.13 -30.30
CA ALA A 60 -3.67 -6.54 -30.68
C ALA A 60 -2.23 -7.00 -30.91
N ASP A 61 -1.33 -6.07 -31.16
CA ASP A 61 0.08 -6.36 -31.43
C ASP A 61 0.88 -6.82 -30.22
N GLN A 62 0.35 -6.66 -29.01
CA GLN A 62 1.20 -6.87 -27.83
C GLN A 62 0.93 -8.14 -27.03
N THR A 63 1.96 -8.54 -26.29
CA THR A 63 1.95 -9.78 -25.55
C THR A 63 1.83 -9.54 -24.03
N PRO A 64 1.20 -10.49 -23.30
CA PRO A 64 1.22 -10.41 -21.86
C PRO A 64 2.54 -9.94 -21.26
N GLU A 65 3.70 -10.31 -21.82
CA GLU A 65 4.97 -9.87 -21.20
C GLU A 65 5.34 -8.43 -21.53
N ASP A 66 4.93 -7.96 -22.69
CA ASP A 66 4.99 -6.53 -22.98
C ASP A 66 4.32 -5.73 -21.87
N LEU A 67 3.10 -6.10 -21.53
CA LEU A 67 2.33 -5.44 -20.51
C LEU A 67 2.66 -5.94 -19.10
N ASP A 68 3.57 -6.91 -19.03
CA ASP A 68 3.99 -7.45 -17.78
C ASP A 68 2.79 -7.97 -16.95
N MET A 69 2.01 -8.84 -17.58
CA MET A 69 0.78 -9.35 -17.01
C MET A 69 0.99 -10.49 -16.02
N GLU A 70 -0.05 -10.73 -15.24
CA GLU A 70 -0.02 -11.68 -14.14
C GLU A 70 -1.06 -12.74 -14.38
N ASP A 71 -0.82 -13.93 -13.82
CA ASP A 71 -1.89 -14.90 -13.80
C ASP A 71 -3.16 -14.25 -13.21
N ASN A 72 -4.30 -14.50 -13.86
CA ASN A 72 -5.63 -13.97 -13.49
C ASN A 72 -5.90 -12.48 -13.69
N ASP A 73 -5.04 -11.81 -14.46
CA ASP A 73 -5.27 -10.40 -14.83
C ASP A 73 -6.48 -10.24 -15.74
N ILE A 74 -7.07 -9.06 -15.76
CA ILE A 74 -8.30 -8.81 -16.47
C ILE A 74 -8.09 -7.78 -17.59
N ILE A 75 -8.67 -8.05 -18.74
CA ILE A 75 -8.75 -7.11 -19.82
C ILE A 75 -10.20 -6.70 -19.89
N GLU A 76 -10.47 -5.40 -19.85
CA GLU A 76 -11.81 -4.89 -19.98
C GLU A 76 -12.05 -4.40 -21.40
N ALA A 77 -13.18 -4.77 -21.97
CA ALA A 77 -13.52 -4.36 -23.32
C ALA A 77 -14.58 -3.28 -23.28
N HIS A 78 -14.32 -2.16 -23.93
CA HIS A 78 -15.27 -1.04 -23.97
C HIS A 78 -15.60 -0.64 -25.40
N ARG A 79 -16.77 -0.01 -25.58
CA ARG A 79 -17.24 0.55 -26.86
C ARG A 79 -16.27 1.59 -27.43
N GLU A 80 -16.56 2.09 -28.61
CA GLU A 80 -15.63 3.03 -29.23
C GLU A 80 -15.79 4.48 -28.79
N GLN A 81 -14.67 5.06 -28.34
CA GLN A 81 -14.46 6.49 -28.29
C GLN A 81 -13.00 6.86 -28.00
N ILE A 82 -12.59 8.02 -28.54
CA ILE A 82 -11.30 8.64 -28.21
C ILE A 82 -11.33 9.29 -26.83
N GLY A 83 -12.54 9.37 -26.26
CA GLY A 83 -12.74 9.82 -24.87
C GLY A 83 -12.03 8.93 -23.85
N GLY A 84 -12.69 7.88 -23.37
CA GLY A 84 -14.05 7.54 -23.76
C GLY A 84 -14.33 6.07 -23.52
N MET B 1 6.37 -15.58 26.77
CA MET B 1 7.70 -14.98 26.56
C MET B 1 7.87 -14.57 25.11
N LEU B 2 8.18 -13.30 24.91
CA LEU B 2 8.43 -12.77 23.57
C LEU B 2 9.94 -12.73 23.28
N GLU B 3 10.36 -13.35 22.18
CA GLU B 3 11.71 -13.18 21.66
C GLU B 3 11.67 -13.05 20.12
N ALA B 4 11.93 -11.85 19.60
CA ALA B 4 11.88 -11.64 18.17
C ALA B 4 13.18 -11.03 17.64
N LYS B 5 13.93 -11.79 16.85
CA LYS B 5 15.21 -11.31 16.33
C LYS B 5 15.02 -10.87 14.90
N PHE B 6 15.25 -9.60 14.60
CA PHE B 6 15.03 -9.12 13.24
C PHE B 6 16.04 -9.60 12.22
N GLU B 7 15.50 -10.06 11.10
CA GLU B 7 16.26 -10.31 9.89
C GLU B 7 17.27 -9.18 9.62
N GLU B 8 16.78 -7.94 9.51
CA GLU B 8 17.62 -6.74 9.36
C GLU B 8 17.31 -5.68 10.47
N ALA B 9 18.29 -5.34 11.30
CA ALA B 9 18.02 -4.43 12.42
C ALA B 9 17.38 -3.09 12.04
N SER B 10 17.70 -2.59 10.87
CA SER B 10 17.24 -1.29 10.43
C SER B 10 15.76 -1.29 10.06
N LEU B 11 15.19 -2.47 9.84
CA LEU B 11 13.79 -2.60 9.41
C LEU B 11 12.78 -2.01 10.41
N PHE B 12 13.02 -2.22 11.70
CA PHE B 12 12.06 -1.84 12.72
C PHE B 12 11.98 -0.32 12.82
N LYS B 13 13.15 0.30 12.77
CA LYS B 13 13.30 1.74 12.71
C LYS B 13 12.58 2.31 11.48
N ARG B 14 12.86 1.73 10.32
CA ARG B 14 12.11 2.08 9.13
C ARG B 14 10.57 2.00 9.32
N ILE B 15 10.10 0.93 9.98
CA ILE B 15 8.68 0.75 10.26
C ILE B 15 8.13 1.86 11.15
N ILE B 16 8.78 2.10 12.28
CA ILE B 16 8.35 3.12 13.23
C ILE B 16 8.40 4.52 12.63
N ASP B 17 9.47 4.83 11.90
CA ASP B 17 9.55 6.12 11.21
C ASP B 17 8.41 6.26 10.24
N GLY B 18 7.93 5.12 9.73
CA GLY B 18 6.78 5.09 8.84
C GLY B 18 5.52 5.72 9.43
N PHE B 19 5.33 5.68 10.73
CA PHE B 19 4.07 6.22 11.27
C PHE B 19 4.14 6.97 12.60
N LYS B 20 5.35 7.27 13.08
CA LYS B 20 5.47 8.01 14.35
C LYS B 20 4.94 9.46 14.28
N ASP B 21 4.79 9.99 13.08
CA ASP B 21 4.22 11.31 12.93
C ASP B 21 2.69 11.31 12.83
N CYS B 22 2.06 10.14 12.82
CA CYS B 22 0.60 10.05 12.86
C CYS B 22 0.09 9.87 14.28
N VAL B 23 0.71 8.97 15.02
CA VAL B 23 0.21 8.61 16.33
C VAL B 23 1.41 8.45 17.18
N GLN B 24 1.32 8.74 18.46
CA GLN B 24 2.52 8.61 19.24
C GLN B 24 2.51 7.48 20.30
N LEU B 25 1.33 7.11 20.77
CA LEU B 25 1.23 6.01 21.72
C LEU B 25 0.51 4.81 21.07
N VAL B 26 1.21 3.70 20.90
CA VAL B 26 0.56 2.54 20.31
C VAL B 26 0.84 1.25 21.07
N ASN B 27 -0.18 0.40 21.12
CA ASN B 27 -0.04 -0.96 21.61
C ASN B 27 0.36 -1.90 20.48
N PHE B 28 1.48 -2.59 20.68
CA PHE B 28 1.91 -3.64 19.78
C PHE B 28 1.46 -4.92 20.41
N GLN B 29 0.65 -5.69 19.69
CA GLN B 29 0.19 -6.96 20.20
C GLN B 29 1.01 -8.09 19.59
N CYS B 30 1.67 -8.86 20.42
CA CYS B 30 2.47 -9.96 19.93
C CYS B 30 1.72 -11.24 20.14
N LYS B 31 1.62 -12.02 19.08
CA LYS B 31 0.91 -13.27 19.08
C LYS B 31 1.84 -14.32 18.50
N GLU B 32 1.38 -15.57 18.48
CA GLU B 32 2.19 -16.67 17.94
C GLU B 32 2.42 -16.58 16.43
N ASP B 33 1.59 -15.81 15.71
CA ASP B 33 1.84 -15.62 14.28
C ASP B 33 2.32 -14.21 13.84
N GLY B 34 2.83 -13.41 14.78
CA GLY B 34 3.46 -12.16 14.39
C GLY B 34 3.06 -11.01 15.27
N ILE B 35 3.34 -9.80 14.79
CA ILE B 35 3.03 -8.58 15.56
C ILE B 35 2.03 -7.72 14.79
N ILE B 36 0.97 -7.30 15.45
CA ILE B 36 0.10 -6.31 14.88
C ILE B 36 -0.02 -5.09 15.78
N ALA B 37 -0.36 -3.95 15.17
CA ALA B 37 -0.53 -2.69 15.92
C ALA B 37 -1.56 -1.83 15.22
N GLN B 38 -2.47 -1.23 16.00
CA GLN B 38 -3.49 -0.32 15.45
C GLN B 38 -3.70 0.87 16.33
N ALA B 39 -3.90 2.02 15.71
CA ALA B 39 -4.04 3.26 16.46
C ALA B 39 -4.77 4.24 15.59
N VAL B 40 -5.54 5.08 16.25
CA VAL B 40 -6.31 6.12 15.61
C VAL B 40 -5.65 7.38 16.09
N ASP B 41 -5.52 8.38 15.23
CA ASP B 41 -5.00 9.66 15.65
C ASP B 41 -6.04 10.39 16.52
N ASP B 42 -5.62 11.48 17.16
CA ASP B 42 -6.52 12.26 18.05
C ASP B 42 -7.83 12.74 17.40
N SER B 43 -7.79 13.22 16.15
CA SER B 43 -9.02 13.69 15.50
C SER B 43 -9.87 12.54 14.98
N ARG B 44 -9.32 11.33 15.03
CA ARG B 44 -10.11 10.15 14.72
C ARG B 44 -10.54 10.08 13.25
N VAL B 45 -9.72 10.68 12.38
CA VAL B 45 -9.96 10.56 10.94
C VAL B 45 -8.96 9.59 10.27
N LEU B 46 -7.97 9.12 11.04
CA LEU B 46 -6.89 8.31 10.51
C LEU B 46 -6.62 7.09 11.38
N LEU B 47 -6.65 5.91 10.78
CA LEU B 47 -6.32 4.70 11.48
C LEU B 47 -5.06 4.09 10.85
N VAL B 48 -4.06 3.83 11.70
CA VAL B 48 -2.82 3.17 11.28
C VAL B 48 -2.93 1.71 11.63
N SER B 49 -2.59 0.85 10.70
CA SER B 49 -2.63 -0.58 10.94
C SER B 49 -1.37 -1.30 10.46
N LEU B 50 -0.68 -1.96 11.39
CA LEU B 50 0.59 -2.61 11.13
C LEU B 50 0.51 -4.11 11.29
N GLU B 51 1.07 -4.83 10.33
CA GLU B 51 1.21 -6.26 10.47
C GLU B 51 2.62 -6.69 10.09
N ILE B 52 3.36 -7.24 11.05
CA ILE B 52 4.67 -7.80 10.77
C ILE B 52 4.52 -9.29 10.99
N GLY B 53 4.48 -10.03 9.90
CA GLY B 53 4.30 -11.46 10.01
C GLY B 53 5.60 -12.13 10.38
N VAL B 54 5.49 -13.39 10.77
CA VAL B 54 6.61 -14.17 11.28
C VAL B 54 7.84 -14.22 10.36
N GLU B 55 7.65 -14.03 9.05
CA GLU B 55 8.74 -14.22 8.10
C GLU B 55 9.65 -13.03 7.99
N ALA B 56 9.37 -11.99 8.78
CA ALA B 56 10.23 -10.81 8.86
C ALA B 56 11.34 -11.04 9.86
N PHE B 57 11.26 -12.15 10.59
CA PHE B 57 12.20 -12.42 11.68
C PHE B 57 13.15 -13.54 11.33
N GLN B 58 14.37 -13.41 11.80
CA GLN B 58 15.37 -14.47 11.70
C GLN B 58 14.95 -15.60 12.65
N GLU B 59 14.25 -15.20 13.70
CA GLU B 59 13.93 -16.09 14.78
C GLU B 59 12.82 -15.43 15.58
N TYR B 60 11.73 -16.17 15.82
CA TYR B 60 10.52 -15.61 16.46
C TYR B 60 9.90 -16.52 17.51
N ARG B 61 9.45 -15.95 18.60
CA ARG B 61 8.91 -16.70 19.71
C ARG B 61 7.93 -15.87 20.54
N CYS B 62 6.67 -16.28 20.57
CA CYS B 62 5.65 -15.68 21.43
C CYS B 62 4.73 -16.73 22.03
N ASP B 63 5.07 -17.16 23.24
CA ASP B 63 4.34 -18.21 23.96
C ASP B 63 2.90 -17.87 24.26
N HIS B 64 2.69 -16.68 24.77
CA HIS B 64 1.35 -16.21 25.06
C HIS B 64 1.31 -14.78 24.56
N PRO B 65 0.16 -14.34 24.05
CA PRO B 65 0.06 -12.98 23.56
C PRO B 65 0.40 -11.94 24.62
N VAL B 66 1.14 -10.92 24.22
CA VAL B 66 1.53 -9.82 25.07
C VAL B 66 1.24 -8.50 24.36
N THR B 67 0.96 -7.50 25.16
CA THR B 67 0.67 -6.19 24.68
C THR B 67 1.77 -5.26 25.13
N LEU B 68 2.39 -4.57 24.17
CA LEU B 68 3.50 -3.70 24.49
C LEU B 68 3.06 -2.30 24.14
N GLY B 69 2.77 -1.51 25.17
CA GLY B 69 2.39 -0.13 24.97
C GLY B 69 3.61 0.76 24.87
N MET B 70 3.79 1.40 23.73
CA MET B 70 4.95 2.23 23.55
C MET B 70 4.68 3.65 23.09
N ASP B 71 5.37 4.57 23.73
CA ASP B 71 5.57 5.91 23.21
C ASP B 71 6.59 5.80 22.06
N LEU B 72 6.13 6.12 20.86
CA LEU B 72 6.94 6.04 19.68
C LEU B 72 8.04 7.10 19.61
N THR B 73 7.96 8.10 20.49
CA THR B 73 9.01 9.10 20.59
C THR B 73 10.21 8.48 21.32
N SER B 74 9.92 7.89 22.49
CA SER B 74 10.91 7.12 23.20
C SER B 74 11.45 6.02 22.31
N LEU B 75 10.59 5.20 21.72
CA LEU B 75 11.05 4.05 20.95
C LEU B 75 12.02 4.49 19.85
N SER B 76 11.64 5.55 19.15
CA SER B 76 12.44 6.12 18.09
C SER B 76 13.89 6.44 18.54
N LYS B 77 14.01 6.95 19.77
CA LYS B 77 15.27 7.32 20.38
C LYS B 77 16.16 6.11 20.54
N ILE B 78 15.66 5.10 21.23
CA ILE B 78 16.36 3.84 21.41
C ILE B 78 16.75 3.23 20.04
N LEU B 79 15.92 3.41 19.03
CA LEU B 79 16.19 2.78 17.73
C LEU B 79 17.35 3.43 16.98
N ARG B 80 17.69 4.66 17.36
CA ARG B 80 18.86 5.36 16.84
C ARG B 80 20.15 4.71 17.32
N CYS B 81 20.04 3.92 18.39
CA CYS B 81 21.21 3.32 19.02
C CYS B 81 21.75 2.11 18.26
N GLY B 82 21.34 1.96 17.00
CA GLY B 82 21.64 0.75 16.24
C GLY B 82 22.53 0.90 15.01
N ASN B 83 23.76 0.37 15.08
CA ASN B 83 24.62 0.14 13.89
C ASN B 83 23.88 -0.69 12.86
N ASN B 84 24.05 -0.35 11.58
CA ASN B 84 23.40 -1.08 10.48
C ASN B 84 23.71 -2.57 10.31
N THR B 85 24.93 -2.97 10.70
CA THR B 85 25.36 -4.38 10.66
C THR B 85 24.99 -5.14 11.95
N ASP B 86 24.41 -4.43 12.91
CA ASP B 86 23.93 -5.04 14.15
C ASP B 86 22.64 -5.85 14.06
N THR B 87 22.45 -6.70 15.05
CA THR B 87 21.27 -7.51 15.20
C THR B 87 20.36 -6.91 16.27
N LEU B 88 19.06 -6.84 15.97
CA LEU B 88 18.08 -6.40 16.96
C LEU B 88 17.11 -7.51 17.39
N THR B 89 17.08 -7.76 18.69
CA THR B 89 16.13 -8.68 19.27
C THR B 89 15.22 -7.99 20.30
N LEU B 90 13.91 -8.21 20.18
CA LEU B 90 12.93 -7.75 21.16
C LEU B 90 12.69 -8.87 22.15
N ILE B 91 12.78 -8.56 23.43
CA ILE B 91 12.59 -9.55 24.46
C ILE B 91 11.64 -8.98 25.50
N ALA B 92 10.67 -9.79 25.93
CA ALA B 92 9.75 -9.43 26.99
C ALA B 92 9.23 -10.71 27.62
N ASP B 93 9.09 -10.71 28.94
CA ASP B 93 8.41 -11.83 29.58
C ASP B 93 6.91 -11.57 29.57
N ASN B 94 6.16 -12.51 30.14
CA ASN B 94 4.69 -12.42 30.20
C ASN B 94 4.31 -11.40 31.27
N THR B 95 3.26 -10.62 30.99
CA THR B 95 2.89 -9.45 31.83
C THR B 95 4.10 -8.57 32.25
N PRO B 96 4.76 -7.93 31.25
CA PRO B 96 5.96 -7.13 31.44
C PRO B 96 5.67 -5.67 31.79
N ASP B 97 6.63 -5.00 32.40
CA ASP B 97 6.61 -3.52 32.43
C ASP B 97 7.62 -3.00 31.46
N SER B 98 8.38 -3.90 30.88
CA SER B 98 9.48 -3.50 30.05
C SER B 98 9.62 -4.34 28.83
N ILE B 99 9.99 -3.68 27.75
CA ILE B 99 10.47 -4.33 26.56
C ILE B 99 12.00 -4.13 26.55
N ILE B 100 12.74 -5.20 26.35
CA ILE B 100 14.17 -5.14 26.14
C ILE B 100 14.46 -5.06 24.65
N LEU B 101 15.30 -4.11 24.23
CA LEU B 101 15.78 -4.05 22.86
C LEU B 101 17.28 -4.33 22.88
N LEU B 102 17.70 -5.43 22.25
CA LEU B 102 19.06 -5.95 22.41
C LEU B 102 19.81 -5.93 21.10
N PHE B 103 20.78 -5.02 21.00
CA PHE B 103 21.60 -4.85 19.79
C PHE B 103 22.94 -5.58 19.93
N GLU B 104 23.28 -6.37 18.92
CA GLU B 104 24.47 -7.19 18.95
C GLU B 104 25.23 -7.18 17.64
N ASP B 105 26.56 -7.08 17.76
CA ASP B 105 27.52 -7.25 16.64
C ASP B 105 27.88 -8.74 16.52
N THR B 106 28.31 -9.17 15.34
CA THR B 106 28.66 -10.60 15.14
C THR B 106 29.72 -11.07 16.15
N LYS B 107 30.82 -10.30 16.25
CA LYS B 107 31.90 -10.60 17.22
C LYS B 107 31.41 -10.63 18.68
N LYS B 108 30.30 -9.94 18.94
CA LYS B 108 29.74 -9.86 20.29
C LYS B 108 30.66 -8.97 21.17
N ASP B 109 31.45 -8.13 20.51
CA ASP B 109 32.32 -7.14 21.17
C ASP B 109 31.51 -6.02 21.84
N ARG B 110 30.48 -5.53 21.14
CA ARG B 110 29.63 -4.42 21.61
C ARG B 110 28.17 -4.90 21.81
N ILE B 111 27.78 -5.12 23.06
CA ILE B 111 26.42 -5.50 23.34
C ILE B 111 25.69 -4.30 23.92
N ALA B 112 24.73 -3.77 23.16
CA ALA B 112 23.88 -2.70 23.64
C ALA B 112 22.51 -3.25 24.05
N GLU B 113 22.18 -3.14 25.32
CA GLU B 113 20.87 -3.57 25.79
C GLU B 113 20.06 -2.41 26.38
N TYR B 114 18.96 -2.06 25.69
CA TYR B 114 17.98 -1.07 26.16
C TYR B 114 16.76 -1.70 26.78
N SER B 115 16.32 -1.13 27.87
CA SER B 115 15.13 -1.57 28.54
C SER B 115 14.15 -0.41 28.67
N LEU B 116 13.05 -0.49 27.94
CA LEU B 116 12.07 0.59 27.87
C LEU B 116 10.85 0.26 28.71
N LYS B 117 10.49 1.17 29.61
CA LYS B 117 9.29 1.05 30.40
C LYS B 117 8.08 1.09 29.48
N LEU B 118 7.18 0.14 29.67
CA LEU B 118 5.93 0.10 28.91
C LEU B 118 4.88 1.09 29.44
N MET B 119 3.93 1.42 28.60
CA MET B 119 2.85 2.30 29.02
C MET B 119 1.50 1.66 28.89
N ASP B 120 0.61 2.11 29.76
CA ASP B 120 -0.80 1.77 29.74
C ASP B 120 -1.46 2.65 28.70
N ILE B 121 -1.89 2.04 27.61
CA ILE B 121 -2.52 2.79 26.55
C ILE B 121 -3.88 2.18 26.27
N ASP B 122 -4.89 3.05 26.28
CA ASP B 122 -6.27 2.69 25.92
C ASP B 122 -6.37 2.49 24.44
N ALA B 123 -6.62 1.27 24.01
CA ALA B 123 -6.84 1.11 22.58
C ALA B 123 -8.17 0.44 22.40
N ASP B 124 -9.24 1.22 22.45
CA ASP B 124 -10.55 0.58 22.36
C ASP B 124 -11.31 0.97 21.10
N PHE B 125 -12.23 0.09 20.74
CA PHE B 125 -13.26 0.36 19.76
C PHE B 125 -12.64 0.59 18.40
N LEU B 126 -11.88 -0.39 17.91
CA LEU B 126 -11.20 -0.24 16.62
C LEU B 126 -11.87 -1.11 15.58
N GLY B 127 -12.87 -0.54 14.91
CA GLY B 127 -13.63 -1.19 13.83
C GLY B 127 -12.88 -1.18 12.51
N ILE B 128 -12.83 -2.34 11.87
CA ILE B 128 -12.03 -2.50 10.66
C ILE B 128 -12.62 -3.55 9.76
N GLU B 129 -13.60 -3.18 8.94
CA GLU B 129 -13.82 -4.01 7.75
C GLU B 129 -13.99 -3.20 6.47
N GLU B 130 -13.14 -3.55 5.51
CA GLU B 130 -13.03 -2.83 4.27
C GLU B 130 -14.09 -3.32 3.31
N LEU B 131 -15.15 -2.53 3.18
CA LEU B 131 -16.10 -2.75 2.08
C LEU B 131 -15.28 -2.87 0.79
N GLN B 132 -15.80 -3.54 -0.22
CA GLN B 132 -15.21 -3.43 -1.53
C GLN B 132 -15.06 -1.93 -1.89
N TYR B 133 -14.08 -1.62 -2.74
CA TYR B 133 -13.77 -0.24 -3.08
C TYR B 133 -14.17 0.06 -4.50
N ASP B 134 -14.53 1.32 -4.76
CA ASP B 134 -14.82 1.77 -6.13
C ASP B 134 -13.63 1.69 -7.10
N SER B 135 -12.42 1.86 -6.56
CA SER B 135 -11.20 1.97 -7.37
C SER B 135 -9.96 1.61 -6.63
N THR B 136 -9.02 0.98 -7.35
CA THR B 136 -7.73 0.62 -6.78
C THR B 136 -6.58 1.05 -7.69
N LEU B 137 -5.70 1.89 -7.20
CA LEU B 137 -4.55 2.16 -8.01
C LEU B 137 -3.28 1.78 -7.31
N SER B 138 -2.23 1.59 -8.09
CA SER B 138 -0.92 1.53 -7.51
C SER B 138 0.12 2.24 -8.38
N LEU B 139 1.10 2.82 -7.71
CA LEU B 139 2.10 3.64 -8.38
C LEU B 139 3.33 3.67 -7.52
N PRO B 140 4.41 4.26 -8.03
CA PRO B 140 5.61 4.32 -7.18
C PRO B 140 5.34 5.26 -6.02
N SER B 141 5.84 4.89 -4.85
CA SER B 141 5.54 5.64 -3.64
C SER B 141 6.26 6.99 -3.64
N SER B 142 7.44 7.04 -4.27
CA SER B 142 8.16 8.31 -4.39
C SER B 142 7.40 9.30 -5.29
N GLU B 143 6.81 8.78 -6.36
CA GLU B 143 6.00 9.61 -7.22
C GLU B 143 4.85 10.23 -6.45
N PHE B 144 4.17 9.39 -5.67
CA PHE B 144 3.02 9.80 -4.89
C PHE B 144 3.45 10.79 -3.81
N SER B 145 4.57 10.50 -3.19
CA SER B 145 5.15 11.38 -2.22
C SER B 145 5.42 12.79 -2.81
N LYS B 146 6.06 12.81 -3.98
CA LYS B 146 6.28 14.05 -4.68
C LYS B 146 4.98 14.79 -5.02
N ILE B 147 3.99 14.08 -5.56
CA ILE B 147 2.70 14.71 -5.89
C ILE B 147 2.07 15.40 -4.68
N VAL B 148 2.14 14.74 -3.53
CA VAL B 148 1.53 15.24 -2.29
C VAL B 148 2.31 16.43 -1.73
N ARG B 149 3.62 16.28 -1.63
CA ARG B 149 4.50 17.39 -1.21
C ARG B 149 4.30 18.62 -2.09
N ASP B 150 4.30 18.43 -3.40
CA ASP B 150 4.04 19.55 -4.31
C ASP B 150 2.72 20.22 -4.08
N LEU B 151 1.60 19.48 -4.21
CA LEU B 151 0.25 20.06 -4.10
C LEU B 151 -0.05 20.62 -2.73
N SER B 152 0.60 20.08 -1.70
CA SER B 152 0.27 20.52 -0.34
C SER B 152 0.70 21.97 -0.08
N GLN B 153 1.56 22.53 -0.93
CA GLN B 153 1.93 23.95 -0.87
C GLN B 153 0.85 24.92 -1.30
N LEU B 154 -0.16 24.43 -2.01
CA LEU B 154 -1.18 25.31 -2.54
C LEU B 154 -2.45 25.31 -1.70
N SER B 155 -2.61 24.31 -0.84
CA SER B 155 -3.92 24.07 -0.22
C SER B 155 -3.80 23.09 0.93
N ASP B 156 -4.76 23.16 1.83
CA ASP B 156 -4.85 22.17 2.92
C ASP B 156 -5.63 20.94 2.46
N SER B 157 -6.12 20.98 1.22
CA SER B 157 -6.97 19.94 0.69
C SER B 157 -6.47 19.43 -0.64
N ILE B 158 -6.36 18.10 -0.75
CA ILE B 158 -6.04 17.48 -2.04
C ILE B 158 -7.21 16.60 -2.51
N ASN B 159 -7.67 16.85 -3.71
CA ASN B 159 -8.73 16.08 -4.29
C ASN B 159 -8.08 15.02 -5.18
N ILE B 160 -8.51 13.76 -5.03
CA ILE B 160 -8.16 12.69 -5.97
C ILE B 160 -9.42 12.31 -6.75
N MET B 161 -9.28 12.24 -8.06
CA MET B 161 -10.43 12.04 -8.91
C MET B 161 -10.05 11.06 -10.00
N ILE B 162 -10.83 9.98 -10.08
CA ILE B 162 -10.51 8.86 -10.93
C ILE B 162 -11.58 8.63 -11.99
N THR B 163 -11.12 8.48 -13.24
CA THR B 163 -11.98 8.25 -14.38
C THR B 163 -11.32 7.16 -15.24
N LYS B 164 -11.96 6.82 -16.37
CA LYS B 164 -11.69 5.59 -17.13
C LYS B 164 -10.19 5.21 -17.27
N GLU B 165 -9.35 6.20 -17.63
CA GLU B 165 -7.92 5.97 -17.83
C GLU B 165 -7.09 7.07 -17.16
N THR B 166 -7.69 7.76 -16.19
CA THR B 166 -7.08 8.95 -15.64
C THR B 166 -7.16 9.04 -14.13
N ILE B 167 -6.00 9.36 -13.53
CA ILE B 167 -5.92 9.75 -12.15
C ILE B 167 -5.45 11.21 -12.09
N LYS B 168 -6.30 12.05 -11.51
CA LYS B 168 -6.07 13.48 -11.40
C LYS B 168 -5.99 13.91 -9.92
N PHE B 169 -4.92 14.63 -9.60
CA PHE B 169 -4.76 15.17 -8.26
C PHE B 169 -4.86 16.68 -8.34
N VAL B 170 -5.62 17.27 -7.43
CA VAL B 170 -5.97 18.67 -7.54
C VAL B 170 -5.94 19.36 -6.18
N ALA B 171 -5.17 20.44 -6.10
CA ALA B 171 -5.20 21.32 -4.95
C ALA B 171 -5.49 22.75 -5.40
N ASP B 172 -6.40 23.38 -4.71
CA ASP B 172 -6.85 24.71 -5.07
C ASP B 172 -6.80 25.62 -3.82
N GLY B 173 -6.06 26.72 -3.88
CA GLY B 173 -5.87 27.53 -2.69
C GLY B 173 -5.78 29.01 -2.96
N ASP B 174 -5.33 29.76 -1.96
CA ASP B 174 -5.22 31.23 -2.10
C ASP B 174 -4.37 31.72 -3.27
N ILE B 175 -3.17 31.18 -3.39
CA ILE B 175 -2.24 31.65 -4.40
C ILE B 175 -2.59 31.17 -5.80
N GLY B 176 -3.36 30.09 -5.88
CA GLY B 176 -3.75 29.49 -7.15
C GLY B 176 -4.00 28.02 -6.96
N SER B 177 -3.94 27.27 -8.05
CA SER B 177 -4.28 25.87 -8.03
C SER B 177 -3.26 25.07 -8.82
N GLY B 178 -3.31 23.74 -8.67
CA GLY B 178 -2.44 22.84 -9.39
C GLY B 178 -3.18 21.53 -9.62
N SER B 179 -2.95 20.95 -10.78
CA SER B 179 -3.48 19.63 -11.07
C SER B 179 -2.33 18.78 -11.56
N VAL B 180 -2.18 17.59 -10.99
CA VAL B 180 -1.32 16.57 -11.59
C VAL B 180 -2.20 15.47 -12.19
N ILE B 181 -2.09 15.30 -13.50
CA ILE B 181 -2.76 14.21 -14.17
C ILE B 181 -1.76 13.13 -14.46
N ILE B 182 -2.10 11.89 -14.10
CA ILE B 182 -1.27 10.74 -14.45
C ILE B 182 -2.07 9.65 -15.18
N LYS B 183 -1.38 8.91 -16.02
CA LYS B 183 -1.98 7.91 -16.90
C LYS B 183 -1.42 6.54 -16.54
N PRO B 184 -2.28 5.51 -16.48
CA PRO B 184 -1.70 4.21 -16.25
C PRO B 184 -0.86 3.83 -17.46
N PHE B 185 0.32 3.30 -17.19
CA PHE B 185 1.20 2.82 -18.22
C PHE B 185 2.02 1.68 -17.62
N VAL B 186 2.57 0.81 -18.48
CA VAL B 186 3.64 -0.13 -18.11
C VAL B 186 4.87 0.08 -19.00
N ASP B 187 6.05 -0.02 -18.39
CA ASP B 187 7.30 0.03 -19.13
C ASP B 187 8.03 -1.28 -18.83
N MET B 188 7.97 -2.21 -19.77
CA MET B 188 8.39 -3.61 -19.50
C MET B 188 9.88 -3.75 -19.22
N GLU B 189 10.64 -2.70 -19.55
CA GLU B 189 12.06 -2.63 -19.20
C GLU B 189 12.25 -2.50 -17.70
N HIS B 190 11.79 -1.38 -17.13
CA HIS B 190 11.79 -1.17 -15.67
C HIS B 190 10.33 -1.16 -15.21
N PRO B 191 9.82 -2.34 -14.82
CA PRO B 191 8.39 -2.49 -14.51
C PRO B 191 7.96 -1.86 -13.16
N GLU B 192 8.91 -1.68 -12.25
CA GLU B 192 8.61 -1.10 -10.93
C GLU B 192 8.08 0.36 -10.94
N THR B 193 8.15 1.03 -12.09
CA THR B 193 7.65 2.41 -12.20
C THR B 193 6.22 2.50 -12.73
N SER B 194 5.57 1.36 -12.94
CA SER B 194 4.28 1.32 -13.60
C SER B 194 3.15 1.95 -12.80
N ILE B 195 2.14 2.39 -13.53
CA ILE B 195 0.94 2.87 -12.90
C ILE B 195 -0.22 2.03 -13.42
N LYS B 196 -0.94 1.39 -12.49
CA LYS B 196 -2.03 0.49 -12.81
C LYS B 196 -3.29 0.90 -12.09
N LEU B 197 -4.43 0.79 -12.76
CA LEU B 197 -5.68 1.30 -12.24
C LEU B 197 -6.85 0.35 -12.51
N GLU B 198 -7.59 -0.03 -11.47
CA GLU B 198 -8.84 -0.77 -11.62
C GLU B 198 -10.00 0.06 -11.14
N MET B 199 -10.76 0.56 -12.08
CA MET B 199 -11.86 1.41 -11.76
C MET B 199 -13.16 0.67 -12.04
N ASP B 200 -13.92 0.38 -11.00
CA ASP B 200 -15.26 -0.17 -11.15
C ASP B 200 -16.24 1.00 -11.18
N GLN B 201 -16.19 1.84 -10.16
CA GLN B 201 -16.88 3.12 -10.19
C GLN B 201 -15.85 4.25 -10.20
N PRO B 202 -16.12 5.32 -10.98
CA PRO B 202 -15.35 6.57 -10.91
C PRO B 202 -15.48 7.15 -9.50
N VAL B 203 -14.43 7.80 -8.99
CA VAL B 203 -14.53 8.37 -7.66
C VAL B 203 -13.95 9.76 -7.59
N ASP B 204 -14.44 10.55 -6.66
CA ASP B 204 -13.94 11.90 -6.46
C ASP B 204 -13.99 12.26 -4.95
N LEU B 205 -12.81 12.29 -4.34
CA LEU B 205 -12.70 12.49 -2.92
C LEU B 205 -11.63 13.53 -2.61
N THR B 206 -11.84 14.25 -1.52
CA THR B 206 -10.90 15.22 -1.00
C THR B 206 -10.36 14.74 0.35
N PHE B 207 -9.08 15.03 0.60
CA PHE B 207 -8.40 14.61 1.82
C PHE B 207 -7.59 15.79 2.38
N GLY B 208 -7.45 15.84 3.70
CA GLY B 208 -6.62 16.84 4.34
C GLY B 208 -5.14 16.61 4.05
N ALA B 209 -4.50 17.61 3.43
CA ALA B 209 -3.11 17.47 2.99
C ALA B 209 -2.16 17.19 4.15
N LYS B 210 -2.44 17.75 5.32
CA LYS B 210 -1.68 17.47 6.54
C LYS B 210 -1.59 15.93 6.84
N TYR B 211 -2.67 15.20 6.60
CA TYR B 211 -2.66 13.75 6.80
C TYR B 211 -1.94 13.01 5.69
N LEU B 212 -2.19 13.39 4.45
CA LEU B 212 -1.43 12.85 3.36
C LEU B 212 0.06 13.03 3.57
N LEU B 213 0.44 14.16 4.17
CA LEU B 213 1.86 14.47 4.36
C LEU B 213 2.50 13.52 5.32
N ASP B 214 1.71 13.03 6.26
CA ASP B 214 2.14 11.97 7.15
C ASP B 214 2.14 10.59 6.50
N ILE B 215 1.07 10.26 5.79
CA ILE B 215 0.94 8.97 5.13
C ILE B 215 2.11 8.68 4.18
N ILE B 216 2.54 9.67 3.40
CA ILE B 216 3.62 9.48 2.43
C ILE B 216 4.93 9.04 3.06
N LYS B 217 5.07 9.22 4.37
CA LYS B 217 6.27 8.77 5.10
C LYS B 217 6.44 7.26 5.07
N GLY B 218 5.38 6.54 4.72
CA GLY B 218 5.44 5.12 4.43
C GLY B 218 6.35 4.75 3.29
N SER B 219 6.83 5.73 2.53
CA SER B 219 7.69 5.48 1.37
C SER B 219 9.03 4.83 1.66
N SER B 220 9.48 4.91 2.90
CA SER B 220 10.72 4.29 3.26
C SER B 220 10.55 2.77 3.36
N LEU B 221 9.30 2.31 3.45
CA LEU B 221 9.05 0.89 3.65
C LEU B 221 8.90 0.13 2.35
N SER B 222 8.45 0.78 1.28
CA SER B 222 8.28 0.11 -0.01
C SER B 222 8.22 1.00 -1.27
N ASP B 223 8.56 0.41 -2.39
CA ASP B 223 8.62 1.05 -3.69
C ASP B 223 7.31 1.53 -4.24
N ARG B 224 6.27 0.79 -3.90
CA ARG B 224 4.97 1.08 -4.43
C ARG B 224 4.00 1.36 -3.31
N VAL B 225 2.91 2.04 -3.67
CA VAL B 225 1.83 2.27 -2.75
C VAL B 225 0.54 1.87 -3.45
N GLY B 226 -0.36 1.24 -2.71
CA GLY B 226 -1.65 0.85 -3.22
C GLY B 226 -2.61 1.84 -2.63
N ILE B 227 -3.48 2.39 -3.46
CA ILE B 227 -4.48 3.28 -2.95
C ILE B 227 -5.85 2.69 -3.29
N ARG B 228 -6.69 2.51 -2.27
CA ARG B 228 -8.05 1.99 -2.50
C ARG B 228 -9.02 3.08 -2.07
N LEU B 229 -9.88 3.49 -2.99
CA LEU B 229 -10.79 4.60 -2.74
C LEU B 229 -12.24 4.15 -2.89
N SER B 230 -13.10 4.58 -1.97
CA SER B 230 -14.53 4.37 -2.17
C SER B 230 -15.26 5.61 -1.75
N SER B 231 -16.41 5.84 -2.38
CA SER B 231 -17.17 7.06 -2.13
C SER B 231 -17.89 7.04 -0.81
N GLU B 232 -17.87 5.89 -0.12
CA GLU B 232 -18.63 5.71 1.13
C GLU B 232 -17.87 5.06 2.30
N ALA B 233 -16.54 5.05 2.26
CA ALA B 233 -15.72 4.54 3.37
C ALA B 233 -14.39 5.31 3.43
N PRO B 234 -13.58 5.07 4.48
CA PRO B 234 -12.23 5.63 4.49
C PRO B 234 -11.36 5.05 3.37
N ALA B 235 -10.48 5.88 2.81
CA ALA B 235 -9.51 5.43 1.80
C ALA B 235 -8.40 4.63 2.44
N LEU B 236 -7.85 3.70 1.65
CA LEU B 236 -6.76 2.85 2.10
C LEU B 236 -5.48 3.22 1.35
N PHE B 237 -4.44 3.54 2.09
CA PHE B 237 -3.12 3.69 1.53
C PHE B 237 -2.31 2.61 2.15
N GLN B 238 -1.80 1.71 1.32
CA GLN B 238 -1.08 0.56 1.77
C GLN B 238 0.36 0.48 1.24
N PHE B 239 1.27 0.19 2.14
CA PHE B 239 2.67 -0.06 1.82
C PHE B 239 3.00 -1.50 2.22
N ASP B 240 3.41 -2.34 1.28
CA ASP B 240 3.72 -3.73 1.65
C ASP B 240 5.13 -3.91 2.17
N LEU B 241 5.28 -4.80 3.13
CA LEU B 241 6.61 -5.27 3.52
C LEU B 241 6.71 -6.70 3.04
N LYS B 242 7.90 -7.30 3.16
CA LYS B 242 8.02 -8.75 3.02
C LYS B 242 7.42 -9.26 4.32
N SER B 243 6.32 -10.02 4.17
CA SER B 243 5.57 -10.50 5.34
C SER B 243 4.94 -9.39 6.20
N GLY B 244 4.10 -8.58 5.58
CA GLY B 244 3.25 -7.68 6.31
C GLY B 244 2.97 -6.42 5.56
N PHE B 245 2.50 -5.42 6.27
CA PHE B 245 2.11 -4.19 5.63
C PHE B 245 1.97 -3.10 6.65
N LEU B 246 2.00 -1.89 6.14
CA LEU B 246 1.61 -0.74 6.87
C LEU B 246 0.40 -0.15 6.15
N GLN B 247 -0.74 -0.14 6.81
CA GLN B 247 -1.93 0.51 6.24
C GLN B 247 -2.28 1.80 6.94
N PHE B 248 -2.77 2.76 6.16
CA PHE B 248 -3.33 3.99 6.68
C PHE B 248 -4.75 4.15 6.13
N PHE B 249 -5.73 4.24 7.01
CA PHE B 249 -7.09 4.44 6.56
C PHE B 249 -7.49 5.86 6.85
N LEU B 250 -7.91 6.59 5.83
CA LEU B 250 -8.19 8.01 5.97
C LEU B 250 -9.60 8.41 5.54
N ALA B 251 -10.32 9.01 6.48
CA ALA B 251 -11.62 9.58 6.20
C ALA B 251 -11.53 10.66 5.09
N PRO B 252 -12.35 10.57 4.04
CA PRO B 252 -12.41 11.72 3.14
C PRO B 252 -13.03 12.90 3.84
N LYS B 253 -12.73 14.11 3.40
CA LYS B 253 -13.44 15.29 3.88
C LYS B 253 -14.83 15.24 3.29
N PHE B 254 -15.75 15.96 3.94
CA PHE B 254 -17.10 16.07 3.44
C PHE B 254 -17.09 17.09 2.32
N ASN B 255 -17.91 16.84 1.29
CA ASN B 255 -18.13 17.81 0.20
C ASN B 255 -18.93 19.03 0.68
N ASP B 256 -18.31 19.79 1.60
CA ASP B 256 -18.87 20.95 2.34
C ASP B 256 -20.39 20.97 2.59
S SO4 C . -18.51 1.14 -22.21
O1 SO4 C . -19.95 1.36 -22.28
O2 SO4 C . -18.24 0.02 -21.31
O3 SO4 C . -17.82 2.32 -21.71
O4 SO4 C . -18.04 0.80 -23.55
S SO4 D . 2.21 -23.28 -17.63
O1 SO4 D . 2.88 -22.84 -18.86
O2 SO4 D . 1.66 -24.62 -17.85
O3 SO4 D . 1.11 -22.39 -17.28
O4 SO4 D . 3.20 -23.29 -16.56
S SO4 E . -12.77 -18.71 -32.20
O1 SO4 E . -14.21 -18.97 -32.08
O2 SO4 E . -12.58 -17.39 -32.80
O3 SO4 E . -12.16 -19.73 -33.03
O4 SO4 E . -12.14 -18.75 -30.88
S SO4 F . -1.17 -19.65 -27.67
O1 SO4 F . -0.22 -20.30 -28.56
O2 SO4 F . -1.80 -20.63 -26.80
O3 SO4 F . -2.20 -18.93 -28.43
O4 SO4 F . -0.44 -18.70 -26.83
S SO4 G . -4.38 14.50 14.82
O1 SO4 G . -4.77 15.08 13.53
O2 SO4 G . -5.58 13.99 15.48
O3 SO4 G . -3.80 15.56 15.64
O4 SO4 G . -3.41 13.43 14.63
S SO4 H . 11.42 16.68 -4.75
O1 SO4 H . 12.16 17.08 -5.96
O2 SO4 H . 10.00 16.95 -4.96
O3 SO4 H . 11.86 17.46 -3.59
O4 SO4 H . 11.65 15.26 -4.51
#